data_2Y7Z
#
_entry.id   2Y7Z
#
_cell.length_a   56.810
_cell.length_b   72.096
_cell.length_c   78.526
_cell.angle_alpha   90.00
_cell.angle_beta   90.00
_cell.angle_gamma   90.00
#
_symmetry.space_group_name_H-M   'P 21 21 21'
#
loop_
_entity.id
_entity.type
_entity.pdbx_description
1 polymer 'ACTIVATED FACTOR XA HEAVY CHAIN'
2 polymer 'FACTOR X LIGHT CHAIN'
3 non-polymer 6-CHLORO-N-[(3S)-1-[(1S)-1-DIMETHYLAMINO-2,3-DIHYDRO-1H-INDEN-5-YL]-2-OXO-PYRROLIDIN-3-YL]NAPHTHALENE-2-SULFONAMIDE
4 non-polymer 'CALCIUM ION'
5 non-polymer 'MAGNESIUM ION'
6 water water
#
loop_
_entity_poly.entity_id
_entity_poly.type
_entity_poly.pdbx_seq_one_letter_code
_entity_poly.pdbx_strand_id
1 'polypeptide(L)'
;IVGGQECKDGECPWQALLINEENEGFCGGTILSEFYILTAAHCLYQAKRFKVRVGDRNTEQEEGGEAVHEVEVVIKHNRF
TKETYDFDIAVLRLKTPITFRMNVAPACLPERDWAESTLMTQKTGIVSGFGRTHEKGRQSTRLKMLEVPYVDRNSCKLSS
SFIITQNMFCAGYDTKQEDACQGDSGGPHVTRFKDTYFVTGIVSWGEGCARKGKYGIYTKVTAFLKWIDRSMKTRGLPKA
KSHAPEVITSSPLK
;
A
2 'polypeptide(L)'
;EEMKKGHLERECMEETCSYEEAREVFEDSDKTNEFWNKYKDGDQCETSPCQNQGKCKDGLGEYTCTCLEGFEGKNCELFT
RKLCSLDNGDCDQFCHEEQNSVVCSCARGYTLADNGKACIPTGPYPCGKQTLER
;
B
#
loop_
_chem_comp.id
_chem_comp.type
_chem_comp.name
_chem_comp.formula
C0Z non-polymer 6-CHLORO-N-[(3S)-1-[(1S)-1-DIMETHYLAMINO-2,3-DIHYDRO-1H-INDEN-5-YL]-2-OXO-PYRROLIDIN-3-YL]NAPHTHALENE-2-SULFONAMIDE 'C25 H26 Cl N3 O3 S'
CA non-polymer 'CALCIUM ION' 'Ca 2'
MG non-polymer 'MAGNESIUM ION' 'Mg 2'
#
# COMPACT_ATOMS: atom_id res chain seq x y z
N ILE A 1 -2.88 -7.01 12.01
CA ILE A 1 -3.75 -5.83 12.25
C ILE A 1 -4.50 -5.95 13.58
N VAL A 2 -4.29 -4.95 14.44
CA VAL A 2 -4.92 -4.86 15.76
C VAL A 2 -6.16 -4.01 15.55
N GLY A 3 -7.32 -4.54 15.93
CA GLY A 3 -8.58 -3.85 15.70
C GLY A 3 -8.93 -3.99 14.23
N GLY A 4 -9.65 -3.00 13.70
CA GLY A 4 -10.10 -3.02 12.30
C GLY A 4 -11.15 -4.07 12.05
N GLN A 5 -11.29 -4.47 10.78
CA GLN A 5 -12.29 -5.44 10.38
C GLN A 5 -11.70 -6.41 9.35
N GLU A 6 -12.41 -7.51 9.09
CA GLU A 6 -12.04 -8.42 8.03
C GLU A 6 -12.26 -7.76 6.68
N CYS A 7 -11.34 -7.98 5.76
CA CYS A 7 -11.55 -7.58 4.37
C CYS A 7 -12.63 -8.51 3.84
N LYS A 8 -13.76 -7.95 3.42
CA LYS A 8 -14.86 -8.75 2.85
C LYS A 8 -14.59 -9.04 1.37
N ASP A 9 -15.41 -9.91 0.77
CA ASP A 9 -15.21 -10.37 -0.60
C ASP A 9 -14.94 -9.19 -1.54
N GLY A 10 -13.75 -9.21 -2.14
CA GLY A 10 -13.33 -8.20 -3.13
C GLY A 10 -12.83 -6.86 -2.62
N GLU A 11 -12.82 -6.68 -1.30
CA GLU A 11 -12.48 -5.38 -0.72
C GLU A 11 -11.02 -4.98 -0.68
N CYS A 12 -10.12 -5.97 -0.66
CA CYS A 12 -8.69 -5.67 -0.54
C CYS A 12 -7.94 -6.45 -1.61
N PRO A 13 -8.29 -6.22 -2.90
CA PRO A 13 -7.76 -7.12 -3.94
C PRO A 13 -6.27 -7.00 -4.28
N TRP A 14 -5.66 -5.91 -3.84
CA TRP A 14 -4.23 -5.61 -4.08
C TRP A 14 -3.31 -6.19 -3.02
N GLN A 15 -3.89 -6.86 -2.03
CA GLN A 15 -3.08 -7.45 -0.95
C GLN A 15 -2.29 -8.64 -1.49
N ALA A 16 -1.00 -8.66 -1.18
CA ALA A 16 -0.15 -9.80 -1.48
C ALA A 16 0.39 -10.30 -0.14
N LEU A 17 0.80 -11.56 -0.14
CA LEU A 17 1.34 -12.19 1.05
C LEU A 17 2.63 -12.92 0.67
N LEU A 18 3.73 -12.57 1.35
CA LEU A 18 5.00 -13.24 1.13
C LEU A 18 4.98 -14.48 2.03
N ILE A 19 5.19 -15.64 1.43
CA ILE A 19 5.14 -16.91 2.14
C ILE A 19 6.50 -17.61 2.11
N ASN A 20 6.90 -18.17 3.25
CA ASN A 20 8.17 -18.89 3.35
C ASN A 20 8.02 -20.33 2.86
N GLU A 21 9.09 -21.10 3.07
CA GLU A 21 9.16 -22.51 2.65
C GLU A 21 8.10 -23.40 3.29
N GLU A 22 7.56 -22.94 4.42
CA GLU A 22 6.53 -23.66 5.17
C GLU A 22 5.12 -23.22 4.76
N ASN A 23 5.03 -22.42 3.69
CA ASN A 23 3.77 -21.87 3.17
C ASN A 23 3.04 -20.99 4.20
N GLU A 24 3.85 -20.33 5.04
CA GLU A 24 3.37 -19.41 6.07
C GLU A 24 3.71 -17.98 5.68
N GLY A 25 2.76 -17.08 5.90
CA GLY A 25 2.97 -15.68 5.62
C GLY A 25 3.86 -15.04 6.68
N PHE A 26 4.80 -14.22 6.23
CA PHE A 26 5.66 -13.48 7.16
C PHE A 26 5.63 -11.98 6.91
N CYS A 27 5.20 -11.59 5.72
CA CYS A 27 5.09 -10.17 5.33
C CYS A 27 4.02 -9.99 4.26
N GLY A 28 3.62 -8.74 4.05
CA GLY A 28 2.63 -8.40 3.04
C GLY A 28 3.31 -7.73 1.86
N GLY A 29 2.52 -7.43 0.84
CA GLY A 29 2.99 -6.73 -0.33
C GLY A 29 1.80 -6.08 -0.96
N THR A 30 2.04 -5.22 -1.95
CA THR A 30 0.96 -4.61 -2.70
C THR A 30 1.11 -4.94 -4.18
N ILE A 31 0.04 -5.44 -4.81
CA ILE A 31 0.07 -5.74 -6.25
C ILE A 31 0.09 -4.40 -7.01
N LEU A 32 1.11 -4.21 -7.84
CA LEU A 32 1.22 -2.98 -8.63
C LEU A 32 0.80 -3.20 -10.08
N SER A 33 1.02 -4.42 -10.57
CA SER A 33 0.66 -4.78 -11.93
C SER A 33 0.74 -6.31 -12.06
N GLU A 34 0.53 -6.83 -13.27
CA GLU A 34 0.54 -8.29 -13.43
C GLU A 34 1.90 -8.89 -13.04
N PHE A 35 2.97 -8.11 -13.19
CA PHE A 35 4.31 -8.64 -12.88
C PHE A 35 4.99 -8.18 -11.59
N TYR A 36 4.50 -7.10 -11.00
CA TYR A 36 5.23 -6.52 -9.88
C TYR A 36 4.47 -6.37 -8.57
N ILE A 37 5.20 -6.63 -7.49
CA ILE A 37 4.71 -6.50 -6.12
C ILE A 37 5.59 -5.51 -5.39
N LEU A 38 4.95 -4.65 -4.61
CA LEU A 38 5.66 -3.69 -3.79
C LEU A 38 5.74 -4.25 -2.38
N THR A 39 6.90 -4.12 -1.76
CA THR A 39 7.07 -4.62 -0.39
C THR A 39 8.14 -3.81 0.36
N ALA A 40 8.36 -4.16 1.63
CA ALA A 40 9.39 -3.51 2.45
C ALA A 40 10.71 -4.23 2.26
N ALA A 41 11.80 -3.46 2.13
CA ALA A 41 13.13 -4.04 2.00
C ALA A 41 13.49 -4.91 3.21
N HIS A 42 13.03 -4.51 4.40
CA HIS A 42 13.36 -5.30 5.61
C HIS A 42 12.73 -6.71 5.65
N CYS A 43 11.72 -6.93 4.81
CA CYS A 43 11.07 -8.24 4.75
C CYS A 43 11.98 -9.27 4.10
N LEU A 44 12.90 -8.80 3.26
CA LEU A 44 13.82 -9.62 2.50
C LEU A 44 14.93 -10.26 3.35
N TYR A 45 14.68 -10.37 4.66
CA TYR A 45 15.61 -10.99 5.61
C TYR A 45 14.88 -11.99 6.52
N GLN A 46 13.55 -11.89 6.52
CA GLN A 46 12.69 -12.72 7.37
C GLN A 46 12.59 -14.19 6.93
N ALA A 47 12.98 -14.48 5.70
CA ALA A 47 12.96 -15.84 5.15
C ALA A 47 14.03 -16.01 4.07
N LYS A 48 14.63 -17.19 4.00
CA LYS A 48 15.69 -17.46 3.02
C LYS A 48 15.19 -17.62 1.58
N ARG A 49 14.00 -18.17 1.43
CA ARG A 49 13.42 -18.39 0.12
C ARG A 49 11.92 -18.18 0.27
N PHE A 50 11.33 -17.38 -0.62
CA PHE A 50 9.91 -17.10 -0.53
C PHE A 50 9.22 -16.95 -1.88
N LYS A 51 7.90 -17.12 -1.84
CA LYS A 51 7.02 -16.96 -3.00
C LYS A 51 6.00 -15.87 -2.62
N VAL A 52 5.12 -15.53 -3.56
CA VAL A 52 4.08 -14.52 -3.31
C VAL A 52 2.72 -15.15 -3.56
N ARG A 53 1.84 -15.05 -2.58
CA ARG A 53 0.46 -15.53 -2.78
C ARG A 53 -0.53 -14.36 -2.89
N VAL A 54 -1.43 -14.43 -3.86
CA VAL A 54 -2.45 -13.40 -4.04
C VAL A 54 -3.81 -14.06 -4.05
N GLY A 55 -4.85 -13.24 -3.85
CA GLY A 55 -6.25 -13.71 -3.85
C GLY A 55 -6.68 -14.45 -2.59
N ASP A 56 -5.88 -14.40 -1.54
CA ASP A 56 -6.18 -15.16 -0.33
C ASP A 56 -6.85 -14.26 0.73
N ARG A 57 -7.87 -14.76 1.42
CA ARG A 57 -8.50 -14.00 2.52
C ARG A 57 -8.55 -14.81 3.81
N ASN A 58 -8.45 -16.13 3.68
CA ASN A 58 -8.53 -17.07 4.79
C ASN A 58 -7.45 -18.12 4.58
N THR A 59 -6.42 -18.11 5.42
CA THR A 59 -5.30 -19.06 5.28
C THR A 59 -5.66 -20.49 5.70
N GLU A 60 -6.89 -20.70 6.17
CA GLU A 60 -7.34 -22.03 6.60
C GLU A 60 -8.19 -22.79 5.57
N GLN A 61 -8.77 -22.09 4.60
CA GLN A 61 -9.61 -22.71 3.58
C GLN A 61 -9.10 -22.36 2.19
N GLU A 62 -9.53 -23.13 1.18
CA GLU A 62 -9.22 -22.82 -0.22
C GLU A 62 -10.46 -22.19 -0.86
N GLU A 63 -10.46 -20.86 -1.00
CA GLU A 63 -11.63 -20.16 -1.58
C GLU A 63 -11.71 -20.09 -3.10
N GLY A 64 -10.73 -20.69 -3.78
CA GLY A 64 -10.72 -20.80 -5.24
C GLY A 64 -10.01 -19.72 -6.04
N GLY A 65 -9.77 -18.57 -5.42
CA GLY A 65 -9.11 -17.47 -6.10
C GLY A 65 -7.62 -17.34 -5.82
N GLU A 66 -7.10 -18.19 -4.93
CA GLU A 66 -5.68 -18.10 -4.55
C GLU A 66 -4.72 -18.48 -5.67
N ALA A 67 -3.59 -17.79 -5.72
CA ALA A 67 -2.57 -18.06 -6.74
C ALA A 67 -1.17 -17.76 -6.19
N VAL A 68 -0.33 -18.77 -6.21
CA VAL A 68 1.05 -18.63 -5.76
C VAL A 68 1.97 -18.32 -6.93
N HIS A 69 2.86 -17.35 -6.73
CA HIS A 69 3.79 -16.93 -7.78
C HIS A 69 5.22 -16.92 -7.27
N GLU A 70 6.12 -17.45 -8.09
CA GLU A 70 7.54 -17.41 -7.78
C GLU A 70 8.10 -16.08 -8.22
N VAL A 71 9.12 -15.64 -7.49
CA VAL A 71 9.82 -14.39 -7.74
C VAL A 71 10.98 -14.62 -8.69
N GLU A 72 11.05 -13.80 -9.73
CA GLU A 72 12.12 -13.83 -10.71
C GLU A 72 13.28 -12.93 -10.26
N VAL A 73 12.96 -11.70 -9.83
CA VAL A 73 14.01 -10.77 -9.41
C VAL A 73 13.57 -9.95 -8.20
N VAL A 74 14.51 -9.72 -7.30
CA VAL A 74 14.29 -8.90 -6.11
C VAL A 74 15.01 -7.57 -6.33
N ILE A 75 14.24 -6.48 -6.25
CA ILE A 75 14.78 -5.13 -6.46
C ILE A 75 14.74 -4.41 -5.12
N LYS A 76 15.82 -4.51 -4.34
CA LYS A 76 15.90 -3.87 -3.03
C LYS A 76 16.51 -2.49 -3.18
N HIS A 77 15.94 -1.47 -2.51
CA HIS A 77 16.50 -0.14 -2.61
C HIS A 77 17.91 -0.22 -2.00
N ASN A 78 18.92 0.18 -2.78
CA ASN A 78 20.31 0.08 -2.33
C ASN A 78 20.65 0.91 -1.09
N ARG A 79 19.88 1.96 -0.85
CA ARG A 79 20.09 2.83 0.31
C ARG A 79 19.33 2.40 1.57
N PHE A 80 18.72 1.20 1.55
CA PHE A 80 18.03 0.69 2.73
C PHE A 80 19.02 0.40 3.86
N THR A 81 18.70 0.87 5.06
CA THR A 81 19.54 0.60 6.22
C THR A 81 18.75 0.03 7.39
N LYS A 82 19.25 -1.09 7.89
CA LYS A 82 18.69 -1.80 9.02
C LYS A 82 18.75 -0.96 10.29
N GLU A 83 19.69 -0.04 10.33
CA GLU A 83 19.89 0.82 11.51
C GLU A 83 18.68 1.68 11.84
N THR A 84 18.06 2.26 10.81
CA THR A 84 16.94 3.19 11.00
C THR A 84 15.69 2.83 10.19
N TYR A 85 15.82 1.86 9.29
CA TYR A 85 14.74 1.45 8.36
C TYR A 85 14.42 2.52 7.32
N ASP A 86 15.38 3.42 7.08
CA ASP A 86 15.26 4.42 6.02
C ASP A 86 15.34 3.66 4.69
N PHE A 87 14.60 4.14 3.69
CA PHE A 87 14.53 3.49 2.36
C PHE A 87 14.03 2.05 2.50
N ASP A 88 12.97 1.86 3.28
CA ASP A 88 12.42 0.53 3.50
C ASP A 88 11.46 0.21 2.37
N ILE A 89 12.02 -0.13 1.21
CA ILE A 89 11.22 -0.41 0.03
C ILE A 89 11.93 -1.38 -0.89
N ALA A 90 11.15 -2.21 -1.55
CA ALA A 90 11.63 -3.18 -2.53
C ALA A 90 10.51 -3.46 -3.51
N VAL A 91 10.88 -3.83 -4.75
CA VAL A 91 9.91 -4.27 -5.73
C VAL A 91 10.32 -5.68 -6.18
N LEU A 92 9.34 -6.56 -6.35
CA LEU A 92 9.55 -7.94 -6.78
C LEU A 92 8.98 -8.13 -8.17
N ARG A 93 9.79 -8.69 -9.06
CA ARG A 93 9.25 -9.08 -10.37
C ARG A 93 8.95 -10.58 -10.32
N LEU A 94 7.72 -10.93 -10.70
CA LEU A 94 7.27 -12.30 -10.66
C LEU A 94 7.66 -13.06 -11.94
N LYS A 95 7.91 -14.35 -11.81
CA LYS A 95 8.23 -15.22 -12.96
C LYS A 95 7.06 -15.31 -13.95
N THR A 96 5.85 -15.48 -13.41
CA THR A 96 4.65 -15.56 -14.25
C THR A 96 3.72 -14.38 -13.92
N PRO A 97 2.91 -13.92 -14.90
CA PRO A 97 2.02 -12.79 -14.62
C PRO A 97 0.81 -13.18 -13.77
N ILE A 98 0.37 -12.23 -12.93
CA ILE A 98 -0.81 -12.44 -12.10
C ILE A 98 -2.02 -12.30 -12.98
N THR A 99 -2.97 -13.22 -12.84
CA THR A 99 -4.22 -13.11 -13.58
C THR A 99 -5.23 -12.43 -12.64
N PHE A 100 -5.68 -11.24 -13.02
CA PHE A 100 -6.63 -10.49 -12.21
C PHE A 100 -7.99 -11.17 -12.25
N ARG A 101 -8.70 -11.09 -11.13
CA ARG A 101 -9.99 -11.73 -10.93
C ARG A 101 -10.54 -11.22 -9.61
N MET A 102 -11.69 -11.78 -9.22
CA MET A 102 -12.23 -11.46 -7.92
C MET A 102 -11.09 -11.65 -6.90
N ASN A 103 -10.93 -10.67 -6.00
CA ASN A 103 -9.89 -10.61 -4.97
C ASN A 103 -8.44 -10.43 -5.43
N VAL A 104 -8.25 -10.15 -6.72
CA VAL A 104 -6.90 -10.00 -7.26
C VAL A 104 -6.90 -8.86 -8.29
N ALA A 105 -6.44 -7.69 -7.88
CA ALA A 105 -6.37 -6.50 -8.73
C ALA A 105 -5.31 -5.54 -8.19
N PRO A 106 -4.71 -4.72 -9.07
CA PRO A 106 -3.66 -3.85 -8.56
C PRO A 106 -4.21 -2.57 -7.94
N ALA A 107 -3.42 -1.98 -7.05
CA ALA A 107 -3.69 -0.67 -6.48
C ALA A 107 -3.07 0.32 -7.48
N CYS A 108 -3.56 1.55 -7.56
CA CYS A 108 -3.00 2.51 -8.52
C CYS A 108 -1.77 3.22 -7.95
N LEU A 109 -0.79 3.48 -8.81
CA LEU A 109 0.32 4.36 -8.42
C LEU A 109 -0.08 5.80 -8.73
N PRO A 110 -0.01 6.70 -7.73
CA PRO A 110 -0.41 8.05 -8.05
C PRO A 110 0.79 8.86 -8.56
N GLU A 111 0.54 10.10 -8.96
CA GLU A 111 1.63 11.04 -9.28
C GLU A 111 2.09 11.70 -7.98
N ARG A 112 3.38 12.02 -7.84
CA ARG A 112 3.89 12.59 -6.59
C ARG A 112 3.21 13.88 -6.11
N ASP A 113 3.20 14.95 -6.92
CA ASP A 113 2.64 16.20 -6.45
C ASP A 113 1.19 16.12 -6.02
N TRP A 114 0.39 15.47 -6.84
CA TRP A 114 -1.03 15.29 -6.57
C TRP A 114 -1.27 14.43 -5.33
N ALA A 115 -0.53 13.34 -5.18
CA ALA A 115 -0.69 12.49 -4.00
C ALA A 115 -0.35 13.23 -2.69
N GLU A 116 0.74 14.00 -2.71
CA GLU A 116 1.15 14.75 -1.53
C GLU A 116 0.14 15.85 -1.14
N SER A 117 -0.45 16.52 -2.12
CA SER A 117 -1.36 17.61 -1.79
C SER A 117 -2.81 17.18 -1.62
N THR A 118 -3.20 16.09 -2.28
CA THR A 118 -4.59 15.63 -2.29
C THR A 118 -4.83 14.30 -1.58
N LEU A 119 -3.93 13.33 -1.73
CA LEU A 119 -4.13 12.06 -1.01
C LEU A 119 -3.66 12.10 0.45
N MET A 120 -2.44 12.58 0.67
CA MET A 120 -1.87 12.57 1.99
C MET A 120 -2.47 13.62 2.91
N THR A 121 -3.31 14.49 2.35
CA THR A 121 -4.01 15.50 3.13
C THR A 121 -5.43 15.03 3.50
N GLN A 122 -5.82 13.85 3.02
CA GLN A 122 -7.11 13.25 3.38
C GLN A 122 -7.03 12.91 4.88
N LYS A 123 -8.18 12.66 5.51
CA LYS A 123 -8.24 12.32 6.92
C LYS A 123 -7.57 10.98 7.22
N THR A 124 -7.82 10.01 6.36
CA THR A 124 -7.37 8.65 6.61
C THR A 124 -6.81 7.91 5.39
N GLY A 125 -6.11 6.83 5.69
CA GLY A 125 -5.64 5.85 4.70
C GLY A 125 -6.16 4.50 5.21
N ILE A 126 -5.90 3.42 4.46
CA ILE A 126 -6.33 2.08 4.88
C ILE A 126 -5.14 1.15 4.84
N VAL A 127 -4.91 0.44 5.94
CA VAL A 127 -3.82 -0.53 6.01
C VAL A 127 -4.43 -1.94 6.11
N SER A 128 -3.75 -2.94 5.56
CA SER A 128 -4.29 -4.28 5.56
C SER A 128 -3.21 -5.34 5.69
N GLY A 129 -3.59 -6.49 6.22
CA GLY A 129 -2.64 -7.60 6.32
C GLY A 129 -3.12 -8.77 7.13
N PHE A 130 -2.31 -9.83 7.14
CA PHE A 130 -2.56 -11.06 7.91
C PHE A 130 -1.72 -11.07 9.19
N GLY A 131 -1.26 -9.89 9.62
CA GLY A 131 -0.41 -9.74 10.81
C GLY A 131 -1.12 -10.04 12.11
N ARG A 132 -0.37 -10.05 13.20
CA ARG A 132 -0.94 -10.30 14.53
C ARG A 132 -2.10 -9.37 14.86
N THR A 133 -3.04 -9.88 15.63
CA THR A 133 -4.21 -9.12 16.07
C THR A 133 -3.98 -8.50 17.46
N HIS A 134 -2.90 -8.90 18.13
CA HIS A 134 -2.44 -8.27 19.37
C HIS A 134 -0.91 -8.35 19.36
N GLU A 135 -0.24 -7.49 20.13
CA GLU A 135 1.23 -7.47 20.11
C GLU A 135 1.88 -8.83 20.40
N LYS A 136 1.33 -9.58 21.35
CA LYS A 136 1.91 -10.88 21.72
C LYS A 136 1.23 -12.12 21.10
N GLY A 137 0.20 -11.91 20.28
CA GLY A 137 -0.56 -13.01 19.68
C GLY A 137 0.06 -13.71 18.49
N ARG A 138 -0.73 -14.52 17.79
CA ARG A 138 -0.25 -15.19 16.59
C ARG A 138 -0.78 -14.45 15.34
N GLN A 139 -0.25 -14.81 14.17
CA GLN A 139 -0.69 -14.21 12.90
C GLN A 139 -2.19 -14.46 12.68
N SER A 140 -2.87 -13.50 12.06
CA SER A 140 -4.28 -13.64 11.73
C SER A 140 -4.42 -14.67 10.61
N THR A 141 -5.42 -15.54 10.71
CA THR A 141 -5.69 -16.44 9.60
C THR A 141 -6.59 -15.72 8.57
N ARG A 142 -7.12 -14.56 8.95
CA ARG A 142 -8.02 -13.79 8.08
C ARG A 142 -7.39 -12.47 7.67
N LEU A 143 -7.56 -12.11 6.40
CA LEU A 143 -7.07 -10.81 5.94
C LEU A 143 -7.86 -9.69 6.61
N LYS A 144 -7.16 -8.72 7.22
CA LYS A 144 -7.85 -7.61 7.89
C LYS A 144 -7.48 -6.27 7.28
N MET A 145 -8.36 -5.29 7.46
CA MET A 145 -8.12 -3.91 7.04
C MET A 145 -8.41 -2.98 8.21
N LEU A 146 -7.82 -1.79 8.16
CA LEU A 146 -7.97 -0.81 9.23
C LEU A 146 -7.83 0.57 8.66
N GLU A 147 -8.80 1.42 8.98
CA GLU A 147 -8.73 2.82 8.63
C GLU A 147 -7.75 3.50 9.60
N VAL A 148 -6.71 4.14 9.08
CA VAL A 148 -5.71 4.83 9.93
C VAL A 148 -5.58 6.31 9.55
N PRO A 149 -5.82 7.20 10.53
CA PRO A 149 -5.70 8.63 10.32
C PRO A 149 -4.27 9.02 9.99
N TYR A 150 -4.11 9.95 9.05
CA TYR A 150 -2.80 10.54 8.81
C TYR A 150 -2.42 11.33 10.06
N VAL A 151 -1.15 11.25 10.46
CA VAL A 151 -0.72 11.96 11.67
C VAL A 151 0.21 13.11 11.31
N ASP A 152 -0.03 14.25 11.97
CA ASP A 152 0.80 15.45 11.84
C ASP A 152 2.28 15.08 11.94
N ARG A 153 3.06 15.53 10.98
CA ARG A 153 4.48 15.20 10.95
C ARG A 153 5.19 15.61 12.26
N ASN A 154 4.86 16.79 12.77
CA ASN A 154 5.46 17.28 14.03
C ASN A 154 5.10 16.34 15.19
N SER A 155 3.81 16.03 15.34
CA SER A 155 3.37 15.13 16.41
C SER A 155 4.07 13.79 16.31
N CYS A 156 4.20 13.29 15.08
CA CYS A 156 4.85 12.02 14.89
C CYS A 156 6.29 12.03 15.36
N LYS A 157 7.02 13.09 15.00
CA LYS A 157 8.41 13.23 15.39
C LYS A 157 8.53 13.29 16.91
N LEU A 158 7.58 13.96 17.55
CA LEU A 158 7.57 14.10 19.01
C LEU A 158 7.28 12.78 19.73
N SER A 159 6.45 11.95 19.11
CA SER A 159 6.07 10.67 19.69
C SER A 159 7.16 9.60 19.58
N SER A 160 8.03 9.75 18.59
CA SER A 160 9.02 8.71 18.27
C SER A 160 10.34 8.74 19.02
N SER A 161 10.75 7.57 19.49
CA SER A 161 12.03 7.40 20.17
C SER A 161 13.16 7.38 19.14
N PHE A 162 12.80 7.22 17.87
CA PHE A 162 13.78 7.12 16.79
C PHE A 162 13.47 8.08 15.67
N ILE A 163 14.48 8.35 14.86
CA ILE A 163 14.36 9.29 13.77
C ILE A 163 13.30 8.87 12.73
N ILE A 164 12.47 9.83 12.38
CA ILE A 164 11.48 9.68 11.31
C ILE A 164 12.09 10.45 10.16
N THR A 165 12.59 9.74 9.16
CA THR A 165 13.26 10.38 8.03
C THR A 165 12.23 10.91 7.05
N GLN A 166 12.71 11.61 6.03
CA GLN A 166 11.86 12.16 4.98
C GLN A 166 11.16 11.07 4.14
N ASN A 167 11.66 9.84 4.24
CA ASN A 167 11.12 8.68 3.53
C ASN A 167 10.09 7.92 4.35
N MET A 168 9.61 8.55 5.42
CA MET A 168 8.65 7.95 6.31
C MET A 168 7.52 8.90 6.63
N PHE A 169 6.38 8.33 6.99
CA PHE A 169 5.26 9.10 7.55
C PHE A 169 4.55 8.27 8.60
N CYS A 170 3.78 8.94 9.44
CA CYS A 170 3.09 8.24 10.51
C CYS A 170 1.59 8.23 10.32
N ALA A 171 0.96 7.16 10.78
CA ALA A 171 -0.47 7.01 10.67
C ALA A 171 -0.96 6.14 11.80
N GLY A 172 -2.21 6.35 12.22
CA GLY A 172 -2.78 5.55 13.28
C GLY A 172 -3.33 6.39 14.42
N TYR A 173 -3.24 5.83 15.62
CA TYR A 173 -3.83 6.45 16.81
C TYR A 173 -2.87 6.60 17.98
N ASP A 174 -3.08 7.68 18.73
CA ASP A 174 -2.27 7.96 19.90
C ASP A 174 -2.48 6.82 20.89
N THR A 175 -3.72 6.71 21.39
CA THR A 175 -4.10 5.74 22.42
C THR A 175 -5.04 4.61 22.01
N LYS A 176 -5.85 4.82 20.97
CA LYS A 176 -6.80 3.79 20.53
C LYS A 176 -6.05 2.51 20.13
N GLN A 177 -6.57 1.36 20.57
CA GLN A 177 -5.95 0.06 20.36
C GLN A 177 -6.16 -0.51 18.93
N GLU A 178 -5.66 0.25 17.95
CA GLU A 178 -5.74 -0.12 16.54
C GLU A 178 -4.45 0.29 15.87
N ASP A 179 -3.87 -0.61 15.09
CA ASP A 179 -2.57 -0.38 14.45
C ASP A 179 -2.26 -1.60 13.60
N ALA A 180 -1.22 -1.52 12.78
CA ALA A 180 -0.70 -2.67 12.08
C ALA A 180 0.13 -3.38 13.16
N CYS A 181 0.67 -4.55 12.85
CA CYS A 181 1.50 -5.29 13.82
C CYS A 181 2.37 -6.31 13.07
N GLN A 182 3.09 -7.15 13.83
CA GLN A 182 4.02 -8.13 13.28
C GLN A 182 3.38 -8.98 12.19
N GLY A 183 4.05 -9.02 11.04
CA GLY A 183 3.54 -9.77 9.91
C GLY A 183 2.83 -8.92 8.87
N ASP A 184 2.44 -7.70 9.25
CA ASP A 184 1.79 -6.78 8.30
C ASP A 184 2.85 -6.04 7.48
N SER A 185 4.09 -6.06 7.95
CA SER A 185 5.22 -5.39 7.29
C SER A 185 5.28 -5.67 5.79
N GLY A 186 5.44 -4.60 5.01
CA GLY A 186 5.54 -4.71 3.56
C GLY A 186 4.20 -4.58 2.89
N GLY A 187 3.11 -4.68 3.67
CA GLY A 187 1.76 -4.60 3.13
C GLY A 187 1.32 -3.21 2.69
N PRO A 188 0.09 -3.12 2.12
CA PRO A 188 -0.45 -1.88 1.56
C PRO A 188 -0.95 -0.87 2.59
N HIS A 189 -0.66 0.39 2.30
CA HIS A 189 -1.28 1.54 2.92
C HIS A 189 -1.80 2.24 1.66
N VAL A 190 -3.12 2.24 1.52
CA VAL A 190 -3.74 2.88 0.36
C VAL A 190 -4.66 4.02 0.80
N THR A 191 -4.90 4.97 -0.11
CA THR A 191 -5.77 6.12 0.20
C THR A 191 -6.83 6.16 -0.87
N ARG A 192 -8.07 6.26 -0.41
CA ARG A 192 -9.20 6.30 -1.30
C ARG A 192 -9.42 7.73 -1.81
N PHE A 193 -9.67 7.86 -3.12
CA PHE A 193 -10.07 9.13 -3.71
C PHE A 193 -11.14 8.83 -4.75
N LYS A 194 -12.35 9.36 -4.51
CA LYS A 194 -13.49 9.08 -5.41
C LYS A 194 -13.61 7.59 -5.78
N ASP A 195 -13.70 6.72 -4.77
CA ASP A 195 -13.85 5.28 -5.02
C ASP A 195 -12.70 4.59 -5.80
N THR A 196 -11.54 5.23 -5.83
CA THR A 196 -10.35 4.63 -6.43
C THR A 196 -9.25 4.68 -5.36
N TYR A 197 -8.57 3.56 -5.19
CA TYR A 197 -7.58 3.41 -4.13
C TYR A 197 -6.17 3.50 -4.70
N PHE A 198 -5.39 4.41 -4.13
CA PHE A 198 -4.02 4.62 -4.55
C PHE A 198 -3.04 4.22 -3.47
N VAL A 199 -1.95 3.56 -3.86
CA VAL A 199 -0.90 3.19 -2.92
C VAL A 199 -0.15 4.45 -2.42
N THR A 200 -0.13 4.61 -1.09
CA THR A 200 0.49 5.76 -0.47
C THR A 200 1.57 5.38 0.56
N GLY A 201 1.57 4.12 1.00
CA GLY A 201 2.55 3.69 2.00
C GLY A 201 2.85 2.21 2.02
N ILE A 202 3.90 1.84 2.73
CA ILE A 202 4.27 0.45 2.92
C ILE A 202 4.42 0.29 4.42
N VAL A 203 3.74 -0.70 5.00
CA VAL A 203 3.83 -0.96 6.45
C VAL A 203 5.32 -1.17 6.79
N SER A 204 5.88 -0.34 7.68
CA SER A 204 7.32 -0.41 7.91
C SER A 204 7.72 -0.84 9.31
N TRP A 205 7.40 -0.03 10.32
CA TRP A 205 7.79 -0.36 11.69
C TRP A 205 6.98 0.40 12.72
N GLY A 206 7.21 0.09 13.99
CA GLY A 206 6.52 0.76 15.08
C GLY A 206 7.06 0.24 16.39
N GLU A 207 6.99 1.08 17.42
CA GLU A 207 7.49 0.70 18.75
C GLU A 207 6.41 -0.14 19.41
N GLY A 208 6.41 -1.43 19.06
CA GLY A 208 5.35 -2.34 19.48
C GLY A 208 4.17 -2.18 18.53
N CYS A 209 2.97 -2.56 19.00
CA CYS A 209 1.74 -2.44 18.22
C CYS A 209 0.66 -1.77 19.04
N ALA A 210 0.05 -0.73 18.48
CA ALA A 210 -1.03 0.04 19.13
C ALA A 210 -0.67 0.60 20.51
N ARG A 211 0.61 0.84 20.75
CA ARG A 211 1.02 1.41 22.04
C ARG A 211 0.56 2.86 22.22
N LYS A 212 0.33 3.21 23.50
CA LYS A 212 -0.09 4.56 23.86
C LYS A 212 1.05 5.52 23.54
N GLY A 213 0.72 6.62 22.88
CA GLY A 213 1.72 7.64 22.55
C GLY A 213 2.62 7.28 21.37
N LYS A 214 2.29 6.18 20.69
CA LYS A 214 3.06 5.72 19.53
C LYS A 214 2.16 5.48 18.33
N TYR A 215 2.71 5.71 17.14
CA TYR A 215 2.00 5.55 15.86
C TYR A 215 2.69 4.50 14.99
N GLY A 216 2.01 4.11 13.92
CA GLY A 216 2.59 3.17 12.94
C GLY A 216 3.43 3.97 11.96
N ILE A 217 4.59 3.44 11.61
CA ILE A 217 5.48 4.17 10.73
C ILE A 217 5.49 3.44 9.38
N TYR A 218 5.25 4.22 8.33
CA TYR A 218 5.10 3.72 6.97
C TYR A 218 6.10 4.34 6.00
N THR A 219 6.60 3.54 5.06
CA THR A 219 7.46 4.09 4.03
C THR A 219 6.59 5.02 3.20
N LYS A 220 7.13 6.20 2.88
CA LYS A 220 6.45 7.26 2.11
C LYS A 220 6.63 6.96 0.62
N VAL A 221 5.63 6.31 0.05
CA VAL A 221 5.71 5.85 -1.32
C VAL A 221 5.90 7.00 -2.31
N THR A 222 5.36 8.18 -1.99
CA THR A 222 5.45 9.34 -2.90
C THR A 222 6.89 9.77 -3.13
N ALA A 223 7.76 9.42 -2.20
CA ALA A 223 9.19 9.78 -2.29
C ALA A 223 9.92 8.83 -3.25
N PHE A 224 9.28 7.69 -3.54
CA PHE A 224 9.89 6.66 -4.38
C PHE A 224 9.20 6.34 -5.70
N LEU A 225 8.28 7.20 -6.12
CA LEU A 225 7.51 6.92 -7.34
C LEU A 225 8.40 6.79 -8.56
N LYS A 226 9.40 7.66 -8.68
CA LYS A 226 10.32 7.59 -9.80
C LYS A 226 11.15 6.30 -9.71
N TRP A 227 11.57 5.95 -8.49
CA TRP A 227 12.33 4.73 -8.22
C TRP A 227 11.50 3.48 -8.57
N ILE A 228 10.24 3.48 -8.15
CA ILE A 228 9.34 2.38 -8.47
C ILE A 228 9.23 2.27 -10.00
N ASP A 229 8.99 3.39 -10.67
CA ASP A 229 8.84 3.40 -12.13
C ASP A 229 10.02 2.74 -12.84
N ARG A 230 11.24 3.11 -12.43
CA ARG A 230 12.46 2.51 -12.97
C ARG A 230 12.54 1.02 -12.65
N SER A 231 12.20 0.66 -11.42
CA SER A 231 12.22 -0.75 -11.01
C SER A 231 11.25 -1.61 -11.83
N MET A 232 10.13 -1.02 -12.24
CA MET A 232 9.13 -1.75 -13.03
C MET A 232 9.49 -1.75 -14.52
N LYS A 233 10.28 -0.79 -14.97
CA LYS A 233 10.68 -0.75 -16.38
C LYS A 233 11.85 -1.70 -16.68
N THR A 234 12.25 -2.44 -15.65
CA THR A 234 13.31 -3.43 -15.74
C THR A 234 13.31 -4.30 -14.47
N ARG A 235 13.90 -3.97 -13.44
N ARG B 81 -9.25 28.93 -2.40
CA ARG B 81 -9.17 27.70 -3.25
C ARG B 81 -9.53 27.99 -4.70
N LYS B 82 -8.61 27.67 -5.60
CA LYS B 82 -8.83 27.85 -7.03
C LYS B 82 -8.25 26.67 -7.80
N LEU B 83 -8.59 26.56 -9.08
CA LEU B 83 -8.09 25.50 -9.97
C LEU B 83 -8.08 24.13 -9.27
N CYS B 84 -6.91 23.48 -9.19
CA CYS B 84 -6.81 22.16 -8.54
C CYS B 84 -7.09 22.15 -7.05
N SER B 85 -7.05 23.34 -6.42
CA SER B 85 -7.36 23.47 -4.99
C SER B 85 -8.86 23.50 -4.76
N LEU B 86 -9.61 23.76 -5.82
CA LEU B 86 -11.06 23.81 -5.71
C LEU B 86 -11.62 22.47 -6.18
N ASP B 87 -11.97 21.62 -5.22
CA ASP B 87 -12.56 20.30 -5.46
C ASP B 87 -11.80 19.47 -6.52
N ASN B 88 -10.47 19.44 -6.41
CA ASN B 88 -9.60 18.69 -7.34
C ASN B 88 -9.76 19.12 -8.81
N GLY B 89 -10.16 20.37 -9.02
CA GLY B 89 -10.40 20.90 -10.35
C GLY B 89 -11.48 20.18 -11.12
N ASP B 90 -12.36 19.47 -10.39
CA ASP B 90 -13.44 18.66 -10.98
C ASP B 90 -12.89 17.40 -11.70
N CYS B 91 -11.59 17.11 -11.55
CA CYS B 91 -10.98 15.91 -12.16
C CYS B 91 -11.32 14.66 -11.36
N ASP B 92 -11.43 13.51 -12.02
CA ASP B 92 -11.62 12.22 -11.31
C ASP B 92 -10.37 11.82 -10.53
N GLN B 93 -9.20 12.08 -11.13
CA GLN B 93 -7.95 11.65 -10.52
C GLN B 93 -6.93 12.78 -10.46
N PHE B 94 -5.85 12.67 -11.24
CA PHE B 94 -4.79 13.67 -11.16
C PHE B 94 -5.24 15.03 -11.70
N CYS B 95 -4.79 16.08 -11.01
CA CYS B 95 -5.05 17.45 -11.40
C CYS B 95 -3.72 18.20 -11.43
N HIS B 96 -3.48 18.87 -12.56
CA HIS B 96 -2.30 19.72 -12.77
C HIS B 96 -2.77 21.11 -13.18
N GLU B 97 -2.02 22.13 -12.78
CA GLU B 97 -2.30 23.50 -13.20
C GLU B 97 -1.28 23.86 -14.28
N GLU B 98 -1.79 24.13 -15.47
CA GLU B 98 -0.94 24.49 -16.62
C GLU B 98 -1.46 25.77 -17.24
N GLN B 99 -0.56 26.74 -17.44
CA GLN B 99 -0.93 28.06 -17.99
C GLN B 99 -2.14 28.64 -17.25
N ASN B 100 -2.16 28.48 -15.93
CA ASN B 100 -3.23 28.98 -15.06
C ASN B 100 -4.62 28.34 -15.28
N SER B 101 -4.64 27.11 -15.81
CA SER B 101 -5.89 26.36 -15.98
C SER B 101 -5.72 24.92 -15.48
N VAL B 102 -6.84 24.22 -15.31
CA VAL B 102 -6.85 22.83 -14.85
C VAL B 102 -6.60 21.86 -15.99
N VAL B 103 -5.71 20.90 -15.77
CA VAL B 103 -5.48 19.82 -16.71
C VAL B 103 -5.62 18.50 -15.93
N CYS B 104 -6.62 17.70 -16.29
CA CYS B 104 -6.88 16.42 -15.62
C CYS B 104 -6.15 15.30 -16.35
N SER B 105 -5.72 14.27 -15.62
CA SER B 105 -5.15 13.06 -16.22
C SER B 105 -5.48 11.85 -15.35
N CYS B 106 -5.09 10.66 -15.79
CA CYS B 106 -5.47 9.41 -15.11
C CYS B 106 -4.32 8.44 -14.92
N ALA B 107 -4.49 7.50 -14.00
CA ALA B 107 -3.52 6.43 -13.77
C ALA B 107 -3.47 5.50 -14.97
N ARG B 108 -2.39 4.74 -15.10
CA ARG B 108 -2.25 3.78 -16.18
C ARG B 108 -3.41 2.80 -16.12
N GLY B 109 -3.99 2.46 -17.27
CA GLY B 109 -5.12 1.56 -17.32
C GLY B 109 -6.44 2.31 -17.42
N TYR B 110 -6.34 3.64 -17.41
CA TYR B 110 -7.50 4.51 -17.55
C TYR B 110 -7.23 5.47 -18.69
N THR B 111 -8.31 5.89 -19.35
CA THR B 111 -8.24 6.88 -20.40
C THR B 111 -9.13 8.06 -20.00
N LEU B 112 -8.65 9.27 -20.26
CA LEU B 112 -9.39 10.50 -19.97
C LEU B 112 -10.63 10.55 -20.86
N ALA B 113 -11.79 10.73 -20.24
CA ALA B 113 -13.06 10.79 -20.96
C ALA B 113 -13.10 12.02 -21.86
N ASP B 114 -14.12 12.06 -22.73
CA ASP B 114 -14.27 13.14 -23.69
C ASP B 114 -14.47 14.52 -23.03
N ASN B 115 -14.94 14.54 -21.78
CA ASN B 115 -15.10 15.82 -21.06
C ASN B 115 -13.79 16.31 -20.45
N GLY B 116 -12.71 15.56 -20.68
CA GLY B 116 -11.38 15.89 -20.15
C GLY B 116 -11.28 15.92 -18.63
N LYS B 117 -12.18 15.21 -17.94
CA LYS B 117 -12.21 15.20 -16.48
C LYS B 117 -12.34 13.80 -15.90
N ALA B 118 -13.29 13.02 -16.41
CA ALA B 118 -13.50 11.67 -15.90
C ALA B 118 -12.45 10.70 -16.42
N CYS B 119 -12.21 9.65 -15.64
CA CYS B 119 -11.28 8.59 -15.99
C CYS B 119 -12.06 7.30 -16.22
N ILE B 120 -11.88 6.72 -17.41
CA ILE B 120 -12.59 5.52 -17.85
C ILE B 120 -11.61 4.36 -17.97
N PRO B 121 -11.90 3.23 -17.30
CA PRO B 121 -11.00 2.07 -17.37
C PRO B 121 -10.87 1.57 -18.81
N THR B 122 -9.64 1.33 -19.26
CA THR B 122 -9.37 0.86 -20.63
C THR B 122 -9.59 -0.64 -20.83
N GLY B 123 -9.60 -1.39 -19.74
CA GLY B 123 -9.81 -2.84 -19.83
C GLY B 123 -10.24 -3.36 -18.47
N PRO B 124 -10.42 -4.68 -18.35
CA PRO B 124 -10.87 -5.31 -17.12
C PRO B 124 -9.90 -5.16 -15.95
N TYR B 125 -10.44 -5.17 -14.74
CA TYR B 125 -9.67 -5.03 -13.50
C TYR B 125 -8.72 -3.84 -13.48
N PRO B 126 -9.27 -2.62 -13.64
CA PRO B 126 -8.47 -1.39 -13.58
C PRO B 126 -7.86 -1.24 -12.17
N CYS B 127 -6.71 -0.59 -12.05
CA CYS B 127 -6.12 -0.43 -10.73
C CYS B 127 -7.02 0.35 -9.79
N GLY B 128 -6.92 0.03 -8.51
CA GLY B 128 -7.58 0.82 -7.46
C GLY B 128 -9.07 0.58 -7.28
N LYS B 129 -9.61 -0.40 -7.98
CA LYS B 129 -11.03 -0.70 -7.85
C LYS B 129 -11.24 -2.00 -7.11
N GLN B 130 -12.06 -1.94 -6.07
CA GLN B 130 -12.47 -3.15 -5.37
C GLN B 130 -13.21 -4.04 -6.37
N THR B 131 -12.99 -5.36 -6.30
CA THR B 131 -13.55 -6.28 -7.29
C THR B 131 -14.96 -6.74 -6.97
N LEU B 132 -15.83 -6.59 -7.97
CA LEU B 132 -17.25 -6.93 -7.95
C LEU B 132 -18.07 -6.51 -6.72
N GLU B 133 -19.14 -7.08 -6.46
O3 C0Z C . 9.06 -2.79 14.22
C25 C0Z C . 9.21 -3.00 15.40
N2 C0Z C . 10.15 -2.42 16.19
C8 C0Z C . 11.10 -1.44 15.81
C7 C0Z C . 11.52 -1.28 14.49
C9 C0Z C . 11.61 -0.60 16.80
C10 C0Z C . 12.52 0.39 16.48
C11 C0Z C . 12.95 0.54 15.17
C6 C0Z C . 12.44 -0.28 14.17
C5 C0Z C . 13.05 0.08 12.85
C4 C0Z C . 13.60 1.50 13.07
C3 C0Z C . 13.95 1.53 14.58
N1 C0Z C . 15.40 1.23 14.81
C2 C0Z C . 15.80 -0.11 14.33
C1 C0Z C . 15.68 1.22 16.27
C14 C0Z C . 8.35 -3.91 16.23
C13 C0Z C . 9.22 -4.16 17.49
C12 C0Z C . 10.02 -2.86 17.59
N3 C0Z C . 8.01 -5.14 15.53
S1 C0Z C . 6.48 -5.54 15.21
O1 C0Z C . 6.60 -6.78 14.54
O2 C0Z C . 5.68 -5.47 16.38
C15 C0Z C . 5.84 -4.35 14.07
C24 C0Z C . 4.95 -3.41 14.51
C23 C0Z C . 4.44 -2.44 13.62
C18 C0Z C . 4.89 -2.46 12.26
C17 C0Z C . 5.83 -3.44 11.85
C16 C0Z C . 6.28 -4.37 12.74
C22 C0Z C . 3.50 -1.46 14.01
C21 C0Z C . 3.05 -0.54 13.10
C20 C0Z C . 3.50 -0.58 11.77
CL1 C0Z C . 2.93 0.59 10.61
C19 C0Z C . 4.40 -1.51 11.35
CA CA D . -7.54 -19.35 1.39
MG MG E . -0.80 4.59 19.64
#